data_3QJP
#
_entry.id   3QJP
#
_cell.length_a   76.781
_cell.length_b   76.781
_cell.length_c   193.078
_cell.angle_alpha   90.00
_cell.angle_beta   90.00
_cell.angle_gamma   90.00
#
_symmetry.space_group_name_H-M   'P 41 21 2'
#
loop_
_entity.id
_entity.type
_entity.pdbx_description
1 polymer "RNA (5'-R(P*UP*AP*GP*UP*UP*UP*AP*A)-3')"
2 polymer 'Putative uncharacterized protein PH0350'
#
loop_
_entity_poly.entity_id
_entity_poly.type
_entity_poly.pdbx_seq_one_letter_code
_entity_poly.pdbx_strand_id
1 'polyribonucleotide' UAGUUUAA R
2 'polypeptide(L)'
;HHHMRIEVKLLPLKDNPILPFNYNYEVYSQILEKVNSIEPTIAKLLSSPHGFWTFSRIIVRKRKILPDKGIEILSDDVSL
YISSSNEDIIRAIAEAVEKSPEFKIGELSFLVGDIKAIKVKELGKENVFSTLSPIVVRTVKFEGNKLRHWDLYPHDELFM
DRLRKVMILRYSEVMGETPKDRDFTIEVLKFKPTRLMVGSSYIRGSLMVFRYAGSEEIARFGYENGFGEKTGLGFGMVKL
IE
;
A
#
# COMPACT_ATOMS: atom_id res chain seq x y z
N HIS B 3 0.16 6.94 14.80
CA HIS B 3 0.36 7.01 13.36
C HIS B 3 1.79 7.39 13.00
N MET B 4 2.38 6.65 12.06
CA MET B 4 3.71 6.99 11.57
C MET B 4 3.87 6.80 10.06
N ARG B 5 4.27 7.85 9.35
CA ARG B 5 4.54 7.71 7.92
C ARG B 5 5.92 8.25 7.53
N ILE B 6 6.62 7.50 6.70
CA ILE B 6 7.97 7.88 6.30
C ILE B 6 8.12 7.96 4.80
N GLU B 7 9.04 8.82 4.34
CA GLU B 7 9.45 8.78 2.94
C GLU B 7 10.82 8.14 2.82
N VAL B 8 10.96 7.23 1.88
CA VAL B 8 12.26 6.66 1.57
C VAL B 8 12.64 7.10 0.17
N LYS B 9 13.58 8.03 0.07
CA LYS B 9 14.01 8.50 -1.24
C LYS B 9 14.92 7.46 -1.83
N LEU B 10 14.86 7.29 -3.15
CA LEU B 10 15.69 6.29 -3.81
C LEU B 10 16.57 6.92 -4.88
N LEU B 11 17.69 6.27 -5.17
CA LEU B 11 18.55 6.75 -6.26
C LEU B 11 18.72 5.65 -7.29
N PRO B 12 18.56 6.02 -8.57
CA PRO B 12 18.74 5.19 -9.75
C PRO B 12 20.18 5.01 -10.24
N LEU B 13 20.53 3.80 -10.65
CA LEU B 13 21.76 3.54 -11.38
C LEU B 13 21.45 2.45 -12.40
N LYS B 14 21.99 2.54 -13.61
CA LYS B 14 23.00 3.53 -13.94
C LYS B 14 22.40 4.77 -14.60
N ASP B 15 22.01 4.65 -15.86
CA ASP B 15 21.51 5.79 -16.65
C ASP B 15 20.39 5.37 -17.61
N ASN B 16 19.49 6.30 -17.94
CA ASN B 16 18.24 6.00 -18.65
C ASN B 16 17.42 4.96 -17.88
N PRO B 17 17.15 5.24 -16.59
CA PRO B 17 16.48 4.27 -15.72
C PRO B 17 15.01 4.03 -16.09
N ILE B 18 14.64 2.76 -16.11
CA ILE B 18 13.27 2.35 -16.47
C ILE B 18 12.68 1.36 -15.45
N LEU B 19 11.57 1.77 -14.86
CA LEU B 19 10.94 1.01 -13.79
C LEU B 19 9.72 0.28 -14.33
N PRO B 20 9.72 -1.06 -14.23
CA PRO B 20 8.57 -1.85 -14.68
C PRO B 20 7.33 -1.45 -13.88
N PHE B 21 6.13 -1.74 -14.38
CA PHE B 21 4.92 -1.39 -13.64
C PHE B 21 4.59 -2.42 -12.56
N ASN B 22 4.82 -3.70 -12.82
CA ASN B 22 4.62 -4.59 -11.71
C ASN B 22 6.01 -4.79 -11.18
N TYR B 23 6.33 -3.91 -10.25
CA TYR B 23 7.47 -4.01 -9.37
C TYR B 23 6.90 -4.33 -8.02
N ASN B 24 5.57 -4.28 -7.99
CA ASN B 24 4.89 -4.12 -6.73
C ASN B 24 5.32 -5.13 -5.70
N TYR B 25 5.40 -6.37 -6.14
CA TYR B 25 5.69 -7.49 -5.26
C TYR B 25 7.08 -7.41 -4.66
N GLU B 26 8.09 -7.34 -5.54
CA GLU B 26 9.50 -7.33 -5.17
C GLU B 26 9.85 -6.34 -4.08
N VAL B 27 9.45 -5.09 -4.29
CA VAL B 27 9.69 -4.05 -3.31
C VAL B 27 9.32 -4.56 -1.93
N TYR B 28 8.26 -5.35 -1.87
CA TYR B 28 7.81 -5.87 -0.59
C TYR B 28 8.70 -7.01 -0.12
N SER B 29 9.12 -7.83 -1.06
CA SER B 29 10.01 -8.95 -0.76
C SER B 29 11.30 -8.48 -0.11
N GLN B 30 11.97 -7.56 -0.79
CA GLN B 30 13.21 -6.97 -0.31
C GLN B 30 13.04 -6.30 1.05
N ILE B 31 11.92 -5.61 1.27
CA ILE B 31 11.66 -5.01 2.59
C ILE B 31 11.52 -6.09 3.66
N LEU B 32 11.10 -7.28 3.25
CA LEU B 32 10.93 -8.35 4.22
C LEU B 32 12.28 -8.98 4.57
N GLU B 33 13.17 -9.08 3.59
CA GLU B 33 14.52 -9.54 3.87
C GLU B 33 15.16 -8.56 4.84
N LYS B 34 15.07 -7.28 4.50
CA LYS B 34 15.77 -6.23 5.25
C LYS B 34 15.34 -6.11 6.71
N VAL B 35 14.05 -6.22 6.98
CA VAL B 35 13.58 -6.17 8.37
C VAL B 35 13.75 -7.53 9.03
N ASN B 36 14.03 -8.55 8.22
CA ASN B 36 14.21 -9.90 8.75
C ASN B 36 15.53 -9.98 9.49
N SER B 37 16.62 -9.77 8.77
CA SER B 37 17.96 -9.81 9.35
C SER B 37 17.97 -9.06 10.69
N ILE B 38 17.71 -7.76 10.66
CA ILE B 38 17.76 -6.97 11.88
C ILE B 38 16.68 -7.25 12.93
N GLU B 39 15.47 -7.65 12.53
CA GLU B 39 14.45 -8.04 13.51
C GLU B 39 13.48 -9.13 13.05
N PRO B 40 13.91 -10.40 13.05
CA PRO B 40 13.04 -11.43 12.49
C PRO B 40 11.64 -11.40 13.12
N THR B 41 11.57 -10.88 14.34
CA THR B 41 10.35 -10.90 15.16
C THR B 41 9.24 -9.95 14.69
N ILE B 42 9.64 -8.75 14.28
CA ILE B 42 8.72 -7.72 13.77
C ILE B 42 8.41 -7.94 12.28
N ALA B 43 9.30 -8.67 11.60
CA ALA B 43 9.12 -8.98 10.18
C ALA B 43 8.03 -10.03 9.97
N LYS B 44 7.50 -10.56 11.07
CA LYS B 44 6.40 -11.51 11.01
C LYS B 44 5.07 -10.79 10.81
N LEU B 45 5.03 -9.53 11.24
CA LEU B 45 3.85 -8.68 11.11
C LEU B 45 3.76 -8.13 9.69
N LEU B 46 4.94 -7.92 9.10
CA LEU B 46 5.03 -7.44 7.73
C LEU B 46 4.32 -8.41 6.80
N SER B 47 4.64 -9.68 6.96
CA SER B 47 4.08 -10.71 6.11
C SER B 47 2.66 -11.07 6.54
N SER B 48 2.26 -10.64 7.73
CA SER B 48 0.89 -10.91 8.17
C SER B 48 -0.13 -10.46 7.13
N PRO B 49 -1.04 -11.37 6.76
CA PRO B 49 -2.08 -11.08 5.77
C PRO B 49 -3.12 -10.10 6.31
N HIS B 50 -3.30 -10.07 7.62
CA HIS B 50 -4.24 -9.17 8.25
C HIS B 50 -3.86 -7.69 8.11
N GLY B 51 -2.70 -7.42 7.51
CA GLY B 51 -2.34 -6.04 7.17
C GLY B 51 -1.93 -5.00 8.21
N PHE B 52 -0.78 -5.20 8.84
CA PHE B 52 -0.27 -4.22 9.82
C PHE B 52 0.41 -2.97 9.26
N TRP B 53 0.59 -2.90 7.94
CA TRP B 53 1.21 -1.74 7.33
C TRP B 53 0.84 -1.56 5.86
N THR B 54 1.33 -0.48 5.26
CA THR B 54 1.13 -0.26 3.84
C THR B 54 2.38 0.29 3.23
N PHE B 55 2.52 0.15 1.92
CA PHE B 55 3.40 1.05 1.20
C PHE B 55 2.80 1.47 -0.12
N SER B 56 3.29 2.60 -0.63
CA SER B 56 2.70 3.23 -1.79
C SER B 56 3.32 2.68 -3.08
N ARG B 57 2.96 3.29 -4.18
CA ARG B 57 3.65 3.07 -5.43
C ARG B 57 4.99 3.73 -5.25
N ILE B 58 5.94 3.42 -6.12
CA ILE B 58 7.13 4.23 -6.15
C ILE B 58 6.74 5.47 -6.93
N ILE B 59 6.77 6.61 -6.27
CA ILE B 59 6.35 7.85 -6.87
C ILE B 59 7.46 8.37 -7.77
N VAL B 60 7.17 8.59 -9.04
CA VAL B 60 8.17 9.16 -9.94
C VAL B 60 7.73 10.54 -10.42
N ARG B 61 8.47 11.58 -10.07
CA ARG B 61 7.92 12.92 -10.25
C ARG B 61 8.00 13.40 -11.70
N LYS B 62 9.08 13.02 -12.39
CA LYS B 62 9.21 13.31 -13.80
C LYS B 62 9.19 11.97 -14.53
N ARG B 63 8.13 11.69 -15.27
CA ARG B 63 8.06 10.40 -15.96
C ARG B 63 7.60 10.50 -17.42
N LYS B 64 8.16 9.62 -18.23
CA LYS B 64 7.65 9.40 -19.58
C LYS B 64 7.10 7.98 -19.54
N ILE B 65 5.86 7.82 -19.99
CA ILE B 65 5.20 6.53 -19.91
C ILE B 65 5.28 5.83 -21.25
N LEU B 66 6.08 4.75 -21.30
CA LEU B 66 6.24 4.03 -22.56
C LEU B 66 5.80 2.57 -22.42
N PRO B 67 4.53 2.35 -22.77
CA PRO B 67 3.67 1.20 -22.47
C PRO B 67 4.30 -0.15 -22.76
N ASP B 68 5.31 -0.19 -23.61
CA ASP B 68 6.02 -1.44 -23.84
C ASP B 68 6.88 -1.76 -22.64
N LYS B 69 7.91 -0.94 -22.42
CA LYS B 69 8.95 -1.24 -21.45
C LYS B 69 8.58 -0.90 -19.99
N GLY B 70 7.98 0.27 -19.78
CA GLY B 70 7.71 0.72 -18.44
C GLY B 70 7.63 2.22 -18.27
N ILE B 71 7.90 2.69 -17.06
CA ILE B 71 7.94 4.12 -16.75
C ILE B 71 9.36 4.66 -16.86
N GLU B 72 9.50 5.77 -17.57
CA GLU B 72 10.79 6.42 -17.74
C GLU B 72 11.02 7.37 -16.58
N ILE B 73 12.19 7.28 -15.95
CA ILE B 73 12.55 8.19 -14.86
C ILE B 73 13.31 9.41 -15.40
N LEU B 74 12.66 10.56 -15.34
CA LEU B 74 13.30 11.80 -15.73
C LEU B 74 13.80 12.63 -14.54
N SER B 75 13.55 12.15 -13.32
CA SER B 75 13.82 12.97 -12.13
C SER B 75 14.98 12.43 -11.33
N ASP B 76 15.66 13.32 -10.61
CA ASP B 76 16.79 12.94 -9.77
C ASP B 76 16.43 11.72 -8.94
N ASP B 77 15.49 11.90 -8.00
CA ASP B 77 15.07 10.79 -7.15
C ASP B 77 13.56 10.47 -7.14
N VAL B 78 13.27 9.21 -6.85
CA VAL B 78 11.92 8.70 -6.71
C VAL B 78 11.75 8.27 -5.25
N SER B 79 10.55 8.39 -4.74
CA SER B 79 10.33 8.15 -3.33
C SER B 79 9.21 7.16 -3.10
N LEU B 80 9.30 6.43 -1.99
CA LEU B 80 8.27 5.48 -1.61
C LEU B 80 7.87 5.75 -0.16
N TYR B 81 6.58 5.65 0.14
CA TYR B 81 6.04 6.05 1.42
C TYR B 81 5.50 4.87 2.18
N ILE B 82 6.15 4.49 3.27
CA ILE B 82 5.62 3.45 4.14
C ILE B 82 4.83 4.06 5.27
N SER B 83 3.73 3.41 5.64
CA SER B 83 2.88 3.90 6.72
C SER B 83 2.34 2.78 7.59
N SER B 84 2.04 3.13 8.85
CA SER B 84 1.47 2.18 9.82
C SER B 84 1.15 2.80 11.18
N SER B 85 0.27 2.13 11.91
CA SER B 85 -0.26 2.65 13.16
C SER B 85 0.68 2.44 14.35
N ASN B 86 1.31 1.27 14.41
CA ASN B 86 2.22 0.98 15.50
C ASN B 86 3.65 1.45 15.20
N GLU B 87 4.21 2.23 16.11
CA GLU B 87 5.46 2.91 15.89
C GLU B 87 6.63 1.99 15.58
N ASP B 88 6.53 0.74 16.00
CA ASP B 88 7.68 -0.17 15.96
C ASP B 88 8.00 -0.85 14.61
N ILE B 89 7.01 -0.88 13.71
CA ILE B 89 7.26 -1.41 12.36
C ILE B 89 8.06 -0.40 11.54
N ILE B 90 7.59 0.84 11.54
CA ILE B 90 8.31 1.94 10.92
C ILE B 90 9.76 1.96 11.40
N ARG B 91 9.95 1.91 12.72
CA ARG B 91 11.29 1.79 13.29
C ARG B 91 12.08 0.71 12.56
N ALA B 92 11.59 -0.52 12.65
CA ALA B 92 12.27 -1.66 12.05
C ALA B 92 12.74 -1.36 10.63
N ILE B 93 11.82 -0.80 9.84
CA ILE B 93 12.07 -0.55 8.42
C ILE B 93 13.09 0.56 8.20
N ALA B 94 12.97 1.63 8.98
CA ALA B 94 13.93 2.72 8.94
C ALA B 94 15.33 2.15 8.99
N GLU B 95 15.67 1.54 10.13
CA GLU B 95 16.97 0.93 10.33
C GLU B 95 17.23 -0.15 9.28
N ALA B 96 16.27 -1.04 9.11
CA ALA B 96 16.43 -2.19 8.21
C ALA B 96 16.94 -1.81 6.82
N VAL B 97 16.30 -0.82 6.21
CA VAL B 97 16.66 -0.39 4.85
C VAL B 97 17.86 0.54 4.83
N GLU B 98 17.98 1.38 5.84
CA GLU B 98 19.12 2.29 5.97
C GLU B 98 20.40 1.46 6.15
N LYS B 99 20.22 0.24 6.66
CA LYS B 99 21.33 -0.69 6.86
C LYS B 99 21.77 -1.42 5.59
N SER B 100 20.81 -1.85 4.78
CA SER B 100 21.12 -2.52 3.52
C SER B 100 20.35 -1.89 2.36
N PRO B 101 20.71 -0.64 2.01
CA PRO B 101 19.99 0.21 1.05
C PRO B 101 20.27 -0.13 -0.41
N GLU B 102 20.17 -1.41 -0.75
CA GLU B 102 20.39 -1.87 -2.11
C GLU B 102 19.08 -2.48 -2.60
N PHE B 103 18.45 -1.84 -3.57
CA PHE B 103 17.20 -2.35 -4.14
C PHE B 103 17.35 -2.64 -5.64
N LYS B 104 16.73 -3.72 -6.11
CA LYS B 104 16.61 -3.95 -7.55
C LYS B 104 15.23 -4.48 -7.92
N ILE B 105 14.56 -3.74 -8.80
CA ILE B 105 13.25 -4.09 -9.32
C ILE B 105 13.37 -4.39 -10.80
N GLY B 106 13.23 -5.67 -11.17
CA GLY B 106 13.51 -6.07 -12.52
C GLY B 106 14.97 -5.78 -12.81
N GLU B 107 15.21 -4.98 -13.84
CA GLU B 107 16.56 -4.58 -14.22
C GLU B 107 17.04 -3.21 -13.69
N LEU B 108 16.24 -2.57 -12.84
CA LEU B 108 16.61 -1.25 -12.33
C LEU B 108 17.10 -1.32 -10.89
N SER B 109 18.40 -1.13 -10.67
CA SER B 109 18.97 -1.16 -9.32
C SER B 109 18.87 0.19 -8.59
N PHE B 110 18.72 0.14 -7.27
CA PHE B 110 18.41 1.32 -6.50
C PHE B 110 19.27 1.48 -5.27
N LEU B 111 19.56 2.73 -4.96
CA LEU B 111 20.25 3.08 -3.72
C LEU B 111 19.27 3.83 -2.83
N VAL B 112 19.31 3.57 -1.52
CA VAL B 112 18.46 4.35 -0.65
C VAL B 112 19.18 5.65 -0.36
N GLY B 113 18.61 6.75 -0.82
CA GLY B 113 19.04 8.08 -0.43
C GLY B 113 18.39 8.29 0.92
N ASP B 114 18.19 9.53 1.32
CA ASP B 114 17.78 9.74 2.69
C ASP B 114 16.41 9.12 3.07
N ILE B 115 16.19 8.96 4.38
CA ILE B 115 14.95 8.43 4.91
C ILE B 115 14.34 9.47 5.83
N LYS B 116 13.23 10.06 5.43
CA LYS B 116 12.63 11.17 6.18
C LYS B 116 11.38 10.73 6.91
N ALA B 117 10.73 11.67 7.58
CA ALA B 117 9.47 11.38 8.26
C ALA B 117 8.36 12.35 7.86
N ILE B 118 7.33 11.82 7.20
CA ILE B 118 6.23 12.63 6.72
C ILE B 118 5.24 13.01 7.82
N LYS B 119 4.83 14.28 7.82
CA LYS B 119 3.84 14.78 8.77
C LYS B 119 2.45 14.29 8.37
N VAL B 120 1.68 13.86 9.36
CA VAL B 120 0.37 13.26 9.08
C VAL B 120 -0.73 14.32 9.13
N LYS B 121 -1.29 14.65 7.97
CA LYS B 121 -2.32 15.68 7.87
C LYS B 121 -3.51 15.28 8.75
N GLU B 122 -3.91 16.16 9.66
CA GLU B 122 -4.94 15.80 10.63
C GLU B 122 -6.26 15.45 9.96
N LEU B 123 -6.79 14.29 10.34
CA LEU B 123 -8.07 13.82 9.82
C LEU B 123 -9.13 14.89 10.00
N GLY B 124 -9.85 15.20 8.92
CA GLY B 124 -10.97 16.10 9.02
C GLY B 124 -12.15 15.44 9.75
N LYS B 125 -13.27 16.15 9.82
CA LYS B 125 -14.50 15.57 10.32
C LYS B 125 -15.14 14.75 9.20
N GLU B 126 -15.18 15.35 8.02
CA GLU B 126 -15.47 14.61 6.79
C GLU B 126 -14.36 14.89 5.75
N ASN B 127 -13.81 13.83 5.18
CA ASN B 127 -12.55 13.92 4.44
C ASN B 127 -12.45 13.15 3.14
N VAL B 128 -11.45 13.50 2.33
CA VAL B 128 -11.29 12.93 1.00
C VAL B 128 -9.89 12.34 0.80
N PHE B 129 -9.83 11.16 0.19
CA PHE B 129 -8.57 10.43 0.05
C PHE B 129 -8.25 10.13 -1.40
N SER B 130 -6.97 10.22 -1.78
CA SER B 130 -6.52 9.68 -3.05
C SER B 130 -5.74 8.39 -2.79
N THR B 131 -5.84 7.45 -3.71
CA THR B 131 -5.20 6.17 -3.55
C THR B 131 -3.75 6.32 -3.89
N LEU B 132 -2.89 6.05 -2.92
CA LEU B 132 -1.44 6.18 -3.08
C LEU B 132 -0.85 4.88 -3.64
N SER B 133 -1.72 3.88 -3.72
CA SER B 133 -1.40 2.54 -4.19
C SER B 133 -2.75 1.87 -4.19
N PRO B 134 -3.08 1.17 -5.27
CA PRO B 134 -4.44 0.76 -5.58
C PRO B 134 -5.13 -0.03 -4.48
N ILE B 135 -6.34 0.37 -4.08
CA ILE B 135 -7.11 -0.34 -3.06
C ILE B 135 -7.65 -1.65 -3.59
N VAL B 136 -7.49 -2.74 -2.83
CA VAL B 136 -7.98 -4.07 -3.22
C VAL B 136 -9.13 -4.55 -2.34
N VAL B 137 -10.09 -5.25 -2.95
CA VAL B 137 -11.15 -5.88 -2.18
C VAL B 137 -11.55 -7.17 -2.88
N ARG B 138 -11.78 -8.24 -2.13
CA ARG B 138 -12.09 -9.54 -2.74
C ARG B 138 -13.22 -10.29 -2.08
N THR B 139 -13.78 -11.24 -2.81
CA THR B 139 -14.81 -12.11 -2.30
C THR B 139 -14.38 -13.54 -2.64
N VAL B 140 -14.92 -14.53 -1.93
CA VAL B 140 -14.66 -15.92 -2.29
C VAL B 140 -15.44 -16.28 -3.53
N LYS B 141 -14.79 -16.99 -4.44
CA LYS B 141 -15.44 -17.46 -5.65
C LYS B 141 -14.93 -18.86 -5.98
N PHE B 142 -15.86 -19.78 -6.22
CA PHE B 142 -15.50 -21.16 -6.50
C PHE B 142 -15.46 -21.45 -7.98
N GLU B 143 -14.31 -21.95 -8.43
CA GLU B 143 -14.22 -22.50 -9.77
C GLU B 143 -14.25 -24.00 -9.58
N GLY B 144 -15.40 -24.62 -9.92
CA GLY B 144 -15.56 -26.04 -9.69
C GLY B 144 -15.32 -26.43 -8.25
N ASN B 145 -14.35 -27.34 -8.07
CA ASN B 145 -13.97 -27.88 -6.78
C ASN B 145 -13.20 -26.92 -5.86
N LYS B 146 -12.17 -26.28 -6.39
CA LYS B 146 -11.27 -25.47 -5.57
C LYS B 146 -11.78 -24.07 -5.18
N LEU B 147 -11.26 -23.57 -4.05
CA LEU B 147 -11.64 -22.26 -3.52
C LEU B 147 -10.58 -21.20 -3.88
N ARG B 148 -10.95 -20.28 -4.76
CA ARG B 148 -10.08 -19.17 -5.10
C ARG B 148 -10.85 -17.88 -4.82
N HIS B 149 -10.23 -16.73 -5.05
CA HIS B 149 -10.87 -15.46 -4.78
C HIS B 149 -11.04 -14.57 -6.02
N TRP B 150 -11.99 -13.63 -5.94
CA TRP B 150 -12.36 -12.78 -7.06
C TRP B 150 -12.23 -11.30 -6.70
N ASP B 151 -11.49 -10.55 -7.52
CA ASP B 151 -11.16 -9.15 -7.22
C ASP B 151 -12.28 -8.17 -7.57
N LEU B 152 -12.56 -7.25 -6.65
CA LEU B 152 -13.71 -6.37 -6.83
C LEU B 152 -13.35 -4.91 -7.05
N TYR B 153 -14.27 -4.22 -7.70
CA TYR B 153 -14.14 -2.82 -8.07
C TYR B 153 -15.39 -2.14 -7.55
N PRO B 154 -15.33 -0.83 -7.35
CA PRO B 154 -16.43 -0.06 -6.72
C PRO B 154 -17.75 -0.17 -7.44
N HIS B 155 -17.71 -0.46 -8.73
CA HIS B 155 -18.93 -0.59 -9.51
C HIS B 155 -19.61 -1.95 -9.34
N ASP B 156 -18.84 -2.94 -8.90
CA ASP B 156 -19.41 -4.19 -8.38
C ASP B 156 -20.10 -3.83 -7.07
N GLU B 157 -21.28 -4.39 -6.82
CA GLU B 157 -22.08 -3.96 -5.65
C GLU B 157 -21.61 -4.58 -4.33
N LEU B 158 -21.22 -5.85 -4.40
CA LEU B 158 -20.62 -6.52 -3.25
C LEU B 158 -19.52 -5.63 -2.73
N PHE B 159 -18.87 -4.90 -3.64
CA PHE B 159 -17.68 -4.15 -3.33
C PHE B 159 -17.87 -3.33 -2.08
N MET B 160 -18.79 -2.39 -2.12
CA MET B 160 -18.96 -1.57 -0.93
C MET B 160 -19.15 -2.42 0.33
N ASP B 161 -19.72 -3.61 0.19
CA ASP B 161 -20.02 -4.41 1.35
C ASP B 161 -18.85 -5.22 1.91
N ARG B 162 -17.93 -5.68 1.05
CA ARG B 162 -16.70 -6.33 1.53
C ARG B 162 -15.84 -5.36 2.33
N LEU B 163 -15.60 -4.19 1.77
CA LEU B 163 -14.74 -3.20 2.39
C LEU B 163 -15.21 -2.87 3.81
N ARG B 164 -16.51 -2.91 4.05
CA ARG B 164 -17.02 -2.71 5.39
C ARG B 164 -16.54 -3.87 6.26
N LYS B 165 -16.73 -5.10 5.80
CA LYS B 165 -16.29 -6.27 6.55
C LYS B 165 -14.78 -6.29 6.70
N VAL B 166 -14.08 -6.12 5.58
CA VAL B 166 -12.62 -6.15 5.53
C VAL B 166 -11.98 -5.18 6.51
N MET B 167 -12.57 -4.00 6.66
CA MET B 167 -12.03 -3.03 7.60
C MET B 167 -12.34 -3.45 9.03
N ILE B 168 -13.62 -3.55 9.37
CA ILE B 168 -14.02 -3.98 10.71
C ILE B 168 -13.28 -5.25 11.15
N LEU B 169 -13.15 -6.22 10.25
CA LEU B 169 -12.33 -7.40 10.50
C LEU B 169 -10.92 -6.97 10.85
N ARG B 170 -10.28 -6.24 9.94
CA ARG B 170 -8.89 -5.83 10.13
C ARG B 170 -8.62 -5.00 11.38
N TYR B 171 -9.53 -4.07 11.69
CA TYR B 171 -9.34 -3.18 12.81
C TYR B 171 -9.45 -3.91 14.14
N SER B 172 -10.38 -4.86 14.22
CA SER B 172 -10.56 -5.65 15.43
C SER B 172 -9.39 -6.59 15.60
N GLU B 173 -8.80 -6.96 14.48
CA GLU B 173 -7.76 -7.95 14.44
C GLU B 173 -6.38 -7.39 14.73
N VAL B 174 -6.28 -6.06 14.85
CA VAL B 174 -5.02 -5.36 15.16
C VAL B 174 -5.20 -4.42 16.35
N MET B 175 -6.12 -3.47 16.24
CA MET B 175 -6.46 -2.61 17.37
C MET B 175 -6.90 -3.47 18.56
N GLY B 176 -7.13 -4.77 18.30
CA GLY B 176 -7.35 -5.76 19.34
C GLY B 176 -8.77 -5.77 19.89
N GLU B 177 -9.52 -4.74 19.55
CA GLU B 177 -10.89 -4.59 20.03
C GLU B 177 -11.79 -4.25 18.85
N THR B 178 -13.09 -4.40 19.02
CA THR B 178 -14.04 -3.93 18.02
C THR B 178 -13.99 -2.42 17.92
N PRO B 179 -14.16 -1.89 16.71
CA PRO B 179 -14.29 -0.44 16.54
C PRO B 179 -15.59 0.05 17.16
N LYS B 180 -15.52 1.19 17.84
CA LYS B 180 -16.67 1.76 18.51
C LYS B 180 -17.84 1.89 17.53
N ASP B 181 -17.68 2.75 16.52
CA ASP B 181 -18.74 2.99 15.54
C ASP B 181 -18.40 2.33 14.21
N ARG B 182 -19.25 1.40 13.77
CA ARG B 182 -18.97 0.59 12.57
C ARG B 182 -19.55 1.12 11.27
N ASP B 183 -20.17 2.29 11.30
CA ASP B 183 -20.80 2.84 10.11
C ASP B 183 -19.84 3.71 9.29
N PHE B 184 -19.72 3.41 8.01
CA PHE B 184 -19.06 4.34 7.11
C PHE B 184 -19.50 4.10 5.67
N THR B 185 -19.39 5.13 4.85
CA THR B 185 -19.74 5.06 3.43
C THR B 185 -18.75 5.91 2.67
N ILE B 186 -18.34 5.45 1.50
CA ILE B 186 -17.38 6.19 0.71
C ILE B 186 -17.94 6.46 -0.66
N GLU B 187 -18.13 7.74 -0.99
CA GLU B 187 -18.52 8.08 -2.35
C GLU B 187 -17.29 8.24 -3.26
N VAL B 188 -17.35 7.60 -4.41
CA VAL B 188 -16.19 7.50 -5.27
C VAL B 188 -16.14 8.64 -6.27
N LEU B 189 -15.15 9.51 -6.13
CA LEU B 189 -14.92 10.65 -7.03
C LEU B 189 -14.16 10.38 -8.34
N LYS B 190 -13.25 9.42 -8.32
CA LYS B 190 -12.48 9.05 -9.52
C LYS B 190 -12.31 7.56 -9.52
N PHE B 191 -11.63 7.04 -10.53
CA PHE B 191 -11.38 5.62 -10.59
C PHE B 191 -10.56 5.30 -11.84
N LYS B 192 -9.68 4.30 -11.70
CA LYS B 192 -9.05 3.60 -12.82
C LYS B 192 -8.79 2.20 -12.30
N PRO B 193 -9.08 1.17 -13.09
CA PRO B 193 -8.70 -0.14 -12.58
C PRO B 193 -7.24 -0.44 -12.88
N THR B 194 -6.61 -1.33 -12.12
CA THR B 194 -5.32 -1.90 -12.53
C THR B 194 -5.16 -3.36 -12.14
N ARG B 195 -4.38 -4.08 -12.93
CA ARG B 195 -3.97 -5.41 -12.57
C ARG B 195 -2.47 -5.38 -12.43
N LEU B 196 -1.98 -5.82 -11.27
CA LEU B 196 -0.56 -5.94 -11.01
C LEU B 196 -0.22 -7.40 -10.80
N MET B 197 1.05 -7.73 -11.03
CA MET B 197 1.56 -9.09 -10.98
C MET B 197 2.22 -9.37 -9.61
N VAL B 198 2.01 -10.57 -9.08
CA VAL B 198 2.82 -11.04 -7.95
C VAL B 198 3.27 -12.49 -8.19
N GLY B 199 4.58 -12.71 -8.32
CA GLY B 199 5.04 -14.07 -8.53
C GLY B 199 4.39 -14.62 -9.78
N SER B 200 3.64 -15.72 -9.61
CA SER B 200 2.89 -16.32 -10.72
C SER B 200 1.43 -15.82 -10.89
N SER B 201 0.90 -15.09 -9.92
CA SER B 201 -0.52 -14.70 -9.95
C SER B 201 -0.80 -13.23 -10.32
N TYR B 202 -2.08 -12.86 -10.33
CA TYR B 202 -2.53 -11.53 -10.72
C TYR B 202 -3.31 -10.86 -9.59
N ILE B 203 -3.29 -9.54 -9.55
CA ILE B 203 -4.14 -8.82 -8.60
C ILE B 203 -4.77 -7.59 -9.22
N ARG B 204 -6.08 -7.51 -9.18
CA ARG B 204 -6.77 -6.35 -9.71
C ARG B 204 -7.28 -5.50 -8.58
N GLY B 205 -7.04 -4.20 -8.68
CA GLY B 205 -7.48 -3.28 -7.65
C GLY B 205 -7.83 -1.94 -8.23
N SER B 206 -8.37 -1.07 -7.38
CA SER B 206 -8.87 0.18 -7.88
C SER B 206 -8.09 1.37 -7.34
N LEU B 207 -7.30 2.00 -8.21
CA LEU B 207 -6.78 3.35 -7.97
C LEU B 207 -8.00 4.22 -7.91
N MET B 208 -8.04 5.19 -7.01
CA MET B 208 -9.22 6.05 -6.98
C MET B 208 -9.18 7.16 -5.97
N VAL B 209 -10.01 8.18 -6.20
CA VAL B 209 -10.19 9.26 -5.27
C VAL B 209 -11.58 9.11 -4.69
N PHE B 210 -11.82 9.56 -3.45
CA PHE B 210 -13.13 9.34 -2.87
C PHE B 210 -13.36 10.02 -1.54
N ARG B 211 -14.63 10.16 -1.19
CA ARG B 211 -15.02 10.95 -0.04
C ARG B 211 -15.59 10.04 1.00
N TYR B 212 -14.91 9.99 2.14
CA TYR B 212 -15.27 9.06 3.19
C TYR B 212 -16.00 9.78 4.31
N ALA B 213 -17.00 9.12 4.88
CA ALA B 213 -17.74 9.66 6.01
C ALA B 213 -18.19 8.57 6.97
N GLY B 214 -18.17 8.86 8.27
CA GLY B 214 -18.75 7.97 9.25
C GLY B 214 -17.93 7.18 10.27
N SER B 215 -16.61 7.29 10.31
CA SER B 215 -15.93 6.79 11.52
C SER B 215 -14.60 7.46 11.84
N GLU B 216 -14.36 7.68 13.12
CA GLU B 216 -13.10 8.27 13.57
C GLU B 216 -11.98 7.27 13.36
N GLU B 217 -12.22 6.07 13.87
CA GLU B 217 -11.22 5.02 13.91
C GLU B 217 -11.09 4.30 12.58
N ILE B 218 -12.22 4.01 11.93
CA ILE B 218 -12.14 3.30 10.66
C ILE B 218 -11.30 4.08 9.67
N ALA B 219 -11.43 5.41 9.75
CA ALA B 219 -10.62 6.31 8.95
C ALA B 219 -9.21 6.35 9.51
N ARG B 220 -9.06 6.83 10.74
CA ARG B 220 -7.74 6.93 11.35
C ARG B 220 -7.02 5.61 11.12
N PHE B 221 -7.75 4.50 11.13
CA PHE B 221 -7.15 3.19 10.89
C PHE B 221 -6.76 2.94 9.43
N GLY B 222 -7.69 3.19 8.51
CA GLY B 222 -7.43 2.98 7.10
C GLY B 222 -6.39 3.96 6.58
N TYR B 223 -6.28 5.08 7.27
CA TYR B 223 -5.27 6.07 6.95
C TYR B 223 -3.87 5.50 7.22
N GLU B 224 -3.67 5.02 8.45
CA GLU B 224 -2.40 4.49 8.91
C GLU B 224 -1.98 3.21 8.21
N ASN B 225 -2.85 2.20 8.23
CA ASN B 225 -2.57 0.90 7.60
C ASN B 225 -3.18 0.66 6.22
N GLY B 226 -3.81 1.68 5.63
CA GLY B 226 -4.37 1.56 4.30
C GLY B 226 -5.76 0.96 4.29
N PHE B 227 -6.37 0.85 3.11
CA PHE B 227 -7.75 0.35 2.97
C PHE B 227 -7.84 -0.98 2.24
N GLY B 228 -8.70 -1.86 2.74
CA GLY B 228 -8.97 -3.12 2.09
C GLY B 228 -7.92 -4.18 2.37
N GLU B 229 -7.89 -5.20 1.52
CA GLU B 229 -7.06 -6.36 1.78
C GLU B 229 -5.67 -6.13 1.23
N LYS B 230 -4.79 -7.09 1.51
CA LYS B 230 -3.42 -7.14 0.99
C LYS B 230 -2.58 -5.86 1.14
N THR B 231 -2.85 -5.06 2.17
CA THR B 231 -2.14 -3.79 2.33
C THR B 231 -0.64 -4.00 2.46
N GLY B 232 -0.26 -5.10 3.11
CA GLY B 232 1.14 -5.38 3.35
C GLY B 232 1.97 -5.52 2.09
N LEU B 233 1.31 -5.80 0.98
CA LEU B 233 2.02 -6.02 -0.26
C LEU B 233 2.23 -4.74 -1.05
N GLY B 234 1.83 -3.62 -0.45
CA GLY B 234 1.90 -2.34 -1.14
C GLY B 234 0.60 -1.82 -1.72
N PHE B 235 -0.54 -2.28 -1.21
CA PHE B 235 -1.82 -1.76 -1.67
C PHE B 235 -2.49 -0.97 -0.56
N GLY B 236 -3.61 -0.34 -0.89
CA GLY B 236 -4.46 0.30 0.09
C GLY B 236 -4.01 1.64 0.66
N MET B 237 -2.75 2.02 0.48
CA MET B 237 -2.29 3.23 1.17
C MET B 237 -2.97 4.45 0.61
N VAL B 238 -3.49 5.30 1.47
CA VAL B 238 -4.07 6.54 0.95
C VAL B 238 -3.44 7.76 1.56
N LYS B 239 -3.66 8.88 0.88
CA LYS B 239 -3.22 10.19 1.33
C LYS B 239 -4.47 11.04 1.37
N LEU B 240 -4.52 12.01 2.28
CA LEU B 240 -5.75 12.78 2.42
C LEU B 240 -5.61 14.12 1.75
N ILE B 241 -6.29 14.29 0.63
CA ILE B 241 -6.39 15.62 0.05
C ILE B 241 -7.78 16.08 0.45
N GLU B 242 -7.83 16.98 1.43
CA GLU B 242 -9.09 17.53 1.92
C GLU B 242 -10.02 16.46 2.48
#